data_5C2D
#
_entry.id   5C2D
#
_cell.length_a   133.078
_cell.length_b   57.437
_cell.length_c   46.568
_cell.angle_alpha   90.000
_cell.angle_beta   98.990
_cell.angle_gamma   90.000
#
_symmetry.space_group_name_H-M   'C 1 2 1'
#
loop_
_entity.id
_entity.type
_entity.pdbx_description
1 polymer 'Gene 2 protein'
2 non-polymer 'CALCIUM ION'
3 water water
#
_entity_poly.entity_id   1
_entity_poly.type   'polypeptide(L)'
_entity_poly.pdbx_seq_one_letter_code
;MGSSHHHHHHSSGLVPRGSHMAIIKREWLEAATDAHKKLGWKAKGAVVSAHDPSDTGPDAKGYASRHGSVVKRIAEGLLM
DINEGADWATSLAIEDGADHYLWDGDGVGAGLRRQTTEAFSGKKITATMFKGSESPFDEDAPYQAGAWADEVVQGDNVRT
IGDVFRNKRAQFYYALADRLYLTYRAVVHGEYADPDDMLSFDKEAIGEKMLEKLFAELTQIQRKFNNNGKLELMTAVEMK
QKLGIPSPNLADALMMCMHCPALVREETEIYVPSSSGW
;
_entity_poly.pdbx_strand_id   A
#
loop_
_chem_comp.id
_chem_comp.type
_chem_comp.name
_chem_comp.formula
CA non-polymer 'CALCIUM ION' 'Ca 2'
#
# COMPACT_ATOMS: atom_id res chain seq x y z
N MET A 21 -9.04 -2.18 17.56
CA MET A 21 -9.38 -2.69 16.23
C MET A 21 -8.34 -2.30 15.17
N ALA A 22 -7.43 -1.40 15.53
CA ALA A 22 -6.39 -0.97 14.60
C ALA A 22 -5.44 -2.12 14.32
N ILE A 23 -4.95 -2.23 13.08
CA ILE A 23 -4.15 -3.37 12.70
C ILE A 23 -2.64 -3.11 12.69
N ILE A 24 -2.23 -1.84 12.76
CA ILE A 24 -0.82 -1.50 12.72
C ILE A 24 -0.42 -0.59 13.90
N LYS A 25 0.60 -1.03 14.64
CA LYS A 25 1.11 -0.26 15.77
C LYS A 25 2.11 0.80 15.34
N ARG A 26 2.01 1.97 15.93
CA ARG A 26 2.95 3.06 15.63
C ARG A 26 4.39 2.61 15.90
N GLU A 27 4.60 1.84 16.97
CA GLU A 27 5.94 1.36 17.30
C GLU A 27 6.55 0.52 16.17
N TRP A 28 5.73 -0.25 15.45
CA TRP A 28 6.26 -1.02 14.33
C TRP A 28 6.77 -0.09 13.24
N LEU A 29 6.02 0.99 13.01
CA LEU A 29 6.40 1.96 11.98
C LEU A 29 7.71 2.67 12.35
N GLU A 30 7.89 3.00 13.62
CA GLU A 30 9.13 3.62 14.06
C GLU A 30 10.29 2.65 13.88
N ALA A 31 10.09 1.40 14.28
CA ALA A 31 11.13 0.39 14.12
C ALA A 31 11.48 0.18 12.64
N ALA A 32 10.46 0.17 11.79
CA ALA A 32 10.63 -0.08 10.37
C ALA A 32 11.32 1.08 9.66
N THR A 33 11.34 2.24 10.30
CA THR A 33 12.00 3.41 9.70
C THR A 33 13.51 3.16 9.63
N ASP A 34 14.05 3.17 8.42
CA ASP A 34 15.45 2.86 8.18
C ASP A 34 15.87 1.49 8.74
N ALA A 35 14.94 0.53 8.77
CA ALA A 35 15.25 -0.79 9.30
C ALA A 35 16.34 -1.46 8.48
N HIS A 36 16.36 -1.22 7.17
CA HIS A 36 17.40 -1.81 6.34
C HIS A 36 18.79 -1.29 6.71
N LYS A 37 18.87 -0.04 7.15
CA LYS A 37 20.13 0.52 7.61
C LYS A 37 20.49 -0.02 8.99
N LYS A 38 19.50 -0.12 9.87
CA LYS A 38 19.72 -0.65 11.22
C LYS A 38 20.21 -2.09 11.20
N LEU A 39 19.69 -2.87 10.26
CA LEU A 39 19.95 -4.31 10.24
C LEU A 39 20.96 -4.70 9.18
N GLY A 40 21.34 -3.75 8.34
CA GLY A 40 22.40 -3.97 7.37
C GLY A 40 22.01 -4.81 6.15
N TRP A 41 20.90 -4.48 5.53
CA TRP A 41 20.61 -5.09 4.23
C TRP A 41 20.17 -4.04 3.22
N LYS A 42 20.10 -4.43 1.96
CA LYS A 42 19.84 -3.51 0.88
C LYS A 42 18.63 -3.95 0.08
N ALA A 43 18.00 -2.97 -0.58
CA ALA A 43 16.83 -3.24 -1.41
C ALA A 43 17.17 -4.18 -2.55
N LYS A 44 16.38 -5.24 -2.69
CA LYS A 44 16.53 -6.19 -3.79
C LYS A 44 15.17 -6.65 -4.28
N GLY A 45 14.99 -6.64 -5.59
CA GLY A 45 13.75 -7.13 -6.18
C GLY A 45 13.18 -6.15 -7.17
N ALA A 46 11.92 -6.32 -7.51
CA ALA A 46 11.26 -5.41 -8.45
C ALA A 46 10.96 -4.06 -7.81
N VAL A 47 10.79 -3.04 -8.64
CA VAL A 47 10.22 -1.79 -8.14
C VAL A 47 8.72 -1.84 -8.40
N VAL A 48 7.94 -1.64 -7.34
CA VAL A 48 6.48 -1.69 -7.38
C VAL A 48 5.91 -0.35 -6.93
N SER A 49 5.05 0.23 -7.76
CA SER A 49 4.43 1.53 -7.48
C SER A 49 2.92 1.39 -7.49
N ALA A 50 2.21 2.19 -6.70
CA ALA A 50 0.75 2.17 -6.74
C ALA A 50 0.15 3.54 -6.50
N HIS A 51 -1.02 3.72 -7.07
CA HIS A 51 -1.70 5.00 -7.07
C HIS A 51 -3.12 4.84 -6.53
N ASP A 52 -3.46 5.68 -5.56
CA ASP A 52 -4.84 5.79 -5.11
C ASP A 52 -5.43 7.12 -5.59
N PRO A 53 -6.37 7.04 -6.54
CA PRO A 53 -6.96 8.23 -7.16
C PRO A 53 -7.98 8.95 -6.28
N SER A 54 -8.15 8.48 -5.04
CA SER A 54 -9.10 9.07 -4.10
C SER A 54 -10.54 8.93 -4.60
N ASP A 55 -11.32 10.00 -4.47
CA ASP A 55 -12.69 10.02 -4.97
C ASP A 55 -13.01 11.35 -5.64
N THR A 56 -14.25 11.80 -5.50
CA THR A 56 -14.67 13.07 -6.11
C THR A 56 -14.72 14.16 -5.05
N GLY A 57 -14.04 13.93 -3.93
CA GLY A 57 -14.04 14.87 -2.83
C GLY A 57 -12.78 15.73 -2.77
N PRO A 58 -12.47 16.27 -1.59
CA PRO A 58 -11.34 17.17 -1.36
C PRO A 58 -10.05 16.44 -0.99
N ASP A 59 -10.16 15.15 -0.67
CA ASP A 59 -9.02 14.39 -0.16
C ASP A 59 -7.94 14.16 -1.21
N ALA A 60 -6.69 14.33 -0.78
CA ALA A 60 -5.52 14.19 -1.63
C ALA A 60 -5.38 12.79 -2.22
N LYS A 61 -4.82 12.69 -3.41
CA LYS A 61 -4.50 11.41 -4.02
C LYS A 61 -3.19 10.85 -3.43
N GLY A 62 -2.99 9.55 -3.59
CA GLY A 62 -1.82 8.90 -3.02
C GLY A 62 -0.96 8.15 -4.03
N TYR A 63 0.31 8.07 -3.72
CA TYR A 63 1.26 7.29 -4.50
C TYR A 63 2.29 6.70 -3.55
N ALA A 64 2.66 5.43 -3.76
CA ALA A 64 3.73 4.81 -3.01
C ALA A 64 4.60 3.99 -3.93
N SER A 65 5.89 3.90 -3.62
CA SER A 65 6.77 3.05 -4.41
C SER A 65 7.80 2.38 -3.52
N ARG A 66 8.10 1.13 -3.83
CA ARG A 66 9.15 0.40 -3.12
C ARG A 66 10.07 -0.32 -4.09
N HIS A 67 11.30 -0.53 -3.65
CA HIS A 67 12.23 -1.42 -4.32
C HIS A 67 12.39 -2.63 -3.42
N GLY A 68 11.81 -3.76 -3.82
CA GLY A 68 11.77 -4.91 -2.94
C GLY A 68 11.17 -4.48 -1.61
N SER A 69 11.88 -4.75 -0.51
CA SER A 69 11.33 -4.48 0.80
C SER A 69 11.65 -3.08 1.32
N VAL A 70 12.18 -2.20 0.47
CA VAL A 70 12.48 -0.85 0.96
C VAL A 70 11.60 0.18 0.26
N VAL A 71 10.75 0.83 1.04
CA VAL A 71 9.87 1.88 0.52
C VAL A 71 10.68 3.14 0.24
N LYS A 72 10.55 3.71 -0.95
CA LYS A 72 11.40 4.85 -1.32
C LYS A 72 10.66 6.15 -1.65
N ARG A 73 9.36 6.07 -1.94
CA ARG A 73 8.59 7.28 -2.18
C ARG A 73 7.16 7.18 -1.66
N ILE A 74 6.72 8.23 -0.99
CA ILE A 74 5.34 8.39 -0.55
C ILE A 74 4.94 9.79 -0.94
N ALA A 75 3.94 9.92 -1.80
CA ALA A 75 3.64 11.22 -2.37
C ALA A 75 2.15 11.52 -2.37
N GLU A 76 1.81 12.78 -2.17
CA GLU A 76 0.43 13.24 -2.17
C GLU A 76 0.17 14.03 -3.46
N GLY A 77 -1.01 13.84 -4.04
CA GLY A 77 -1.38 14.49 -5.28
C GLY A 77 -2.51 15.47 -5.02
N LEU A 78 -2.20 16.76 -5.12
CA LEU A 78 -3.12 17.81 -4.70
C LEU A 78 -3.70 18.57 -5.89
N LEU A 79 -4.96 18.97 -5.77
CA LEU A 79 -5.60 19.87 -6.74
C LEU A 79 -5.62 19.29 -8.16
N MET A 80 -5.81 17.99 -8.26
CA MET A 80 -5.83 17.27 -9.53
C MET A 80 -7.21 16.65 -9.80
N ASP A 81 -7.65 16.65 -11.06
CA ASP A 81 -8.79 15.81 -11.42
C ASP A 81 -8.31 14.37 -11.65
N ILE A 82 -9.21 13.48 -12.03
CA ILE A 82 -8.87 12.06 -12.10
C ILE A 82 -7.75 11.81 -13.12
N ASN A 83 -7.78 12.51 -14.26
CA ASN A 83 -6.81 12.29 -15.32
C ASN A 83 -5.46 12.92 -14.99
N GLU A 84 -5.48 14.13 -14.45
CA GLU A 84 -4.25 14.74 -13.95
C GLU A 84 -3.57 13.86 -12.89
N GLY A 85 -4.37 13.30 -11.99
CA GLY A 85 -3.85 12.40 -10.97
C GLY A 85 -3.14 11.20 -11.57
N ALA A 86 -3.75 10.60 -12.58
CA ALA A 86 -3.17 9.43 -13.23
C ALA A 86 -1.89 9.79 -13.98
N ASP A 87 -1.86 10.98 -14.59
CA ASP A 87 -0.66 11.47 -15.26
C ASP A 87 0.46 11.65 -14.23
N TRP A 88 0.09 12.27 -13.12
CA TRP A 88 1.02 12.49 -12.01
C TRP A 88 1.63 11.18 -11.50
N ALA A 89 0.78 10.20 -11.22
CA ALA A 89 1.26 8.95 -10.61
C ALA A 89 2.02 8.07 -11.60
N THR A 90 1.56 8.00 -12.86
CA THR A 90 2.28 7.22 -13.84
C THR A 90 3.63 7.88 -14.14
N SER A 91 3.69 9.20 -14.15
CA SER A 91 4.98 9.86 -14.31
C SER A 91 5.95 9.59 -13.16
N LEU A 92 5.43 9.55 -11.92
CA LEU A 92 6.25 9.13 -10.78
C LEU A 92 6.74 7.69 -10.93
N ALA A 93 5.88 6.80 -11.42
CA ALA A 93 6.26 5.42 -11.61
C ALA A 93 7.42 5.31 -12.58
N ILE A 94 7.35 6.09 -13.66
CA ILE A 94 8.43 6.12 -14.65
C ILE A 94 9.70 6.67 -14.00
N GLU A 95 9.57 7.76 -13.27
CA GLU A 95 10.71 8.37 -12.58
C GLU A 95 11.38 7.39 -11.60
N ASP A 96 10.56 6.56 -10.97
CA ASP A 96 11.03 5.60 -9.98
C ASP A 96 11.54 4.30 -10.59
N GLY A 97 11.46 4.18 -11.90
CA GLY A 97 11.91 2.97 -12.57
C GLY A 97 11.05 1.77 -12.22
N ALA A 98 9.74 1.99 -12.08
CA ALA A 98 8.83 0.92 -11.69
C ALA A 98 8.84 -0.21 -12.70
N ASP A 99 8.79 -1.44 -12.20
CA ASP A 99 8.54 -2.61 -13.03
C ASP A 99 7.05 -2.90 -13.09
N HIS A 100 6.36 -2.58 -12.01
CA HIS A 100 4.92 -2.84 -11.89
C HIS A 100 4.22 -1.64 -11.29
N TYR A 101 3.06 -1.31 -11.84
CA TYR A 101 2.24 -0.21 -11.36
C TYR A 101 0.84 -0.73 -11.10
N LEU A 102 0.27 -0.37 -9.96
CA LEU A 102 -1.11 -0.73 -9.67
C LEU A 102 -1.89 0.53 -9.35
N TRP A 103 -3.21 0.50 -9.57
CA TRP A 103 -4.02 1.61 -9.09
C TRP A 103 -5.38 1.11 -8.66
N ASP A 104 -6.00 1.86 -7.73
CA ASP A 104 -7.30 1.50 -7.19
C ASP A 104 -8.39 1.68 -8.24
N GLY A 105 -8.98 0.57 -8.69
CA GLY A 105 -10.05 0.65 -9.67
C GLY A 105 -11.44 0.41 -9.12
N ASP A 106 -11.61 0.36 -7.81
CA ASP A 106 -12.93 0.06 -7.22
C ASP A 106 -13.89 1.24 -7.33
N GLY A 107 -13.35 2.45 -7.44
CA GLY A 107 -14.19 3.63 -7.49
C GLY A 107 -14.00 4.46 -8.75
N VAL A 108 -13.61 5.71 -8.57
CA VAL A 108 -13.47 6.66 -9.68
C VAL A 108 -12.34 6.29 -10.63
N GLY A 109 -11.47 5.38 -10.19
CA GLY A 109 -10.35 4.94 -11.01
C GLY A 109 -10.69 3.79 -11.95
N ALA A 110 -11.95 3.38 -11.97
CA ALA A 110 -12.37 2.21 -12.75
C ALA A 110 -12.09 2.38 -14.25
N GLY A 111 -12.02 3.61 -14.73
CA GLY A 111 -11.86 3.85 -16.15
C GLY A 111 -10.46 4.24 -16.61
N LEU A 112 -9.47 4.12 -15.72
CA LEU A 112 -8.14 4.66 -16.01
C LEU A 112 -7.20 3.73 -16.78
N ARG A 113 -7.61 2.54 -17.20
CA ARG A 113 -6.66 1.62 -17.84
CA ARG A 113 -6.62 1.65 -17.82
C ARG A 113 -6.10 2.20 -19.14
N ARG A 114 -6.97 2.78 -19.96
CA ARG A 114 -6.50 3.31 -21.26
C ARG A 114 -5.39 4.35 -21.04
N GLN A 115 -5.64 5.33 -20.18
CA GLN A 115 -4.68 6.40 -19.93
C GLN A 115 -3.39 5.87 -19.34
N THR A 116 -3.54 4.91 -18.44
CA THR A 116 -2.40 4.31 -17.77
C THR A 116 -1.50 3.57 -18.76
N THR A 117 -2.09 2.74 -19.62
CA THR A 117 -1.31 2.01 -20.61
C THR A 117 -0.67 2.96 -21.63
N GLU A 118 -1.39 4.04 -21.99
CA GLU A 118 -0.82 5.06 -22.87
C GLU A 118 0.44 5.65 -22.22
N ALA A 119 0.34 5.97 -20.93
CA ALA A 119 1.45 6.59 -20.23
C ALA A 119 2.70 5.71 -20.26
N PHE A 120 2.51 4.40 -20.24
CA PHE A 120 3.61 3.43 -20.19
C PHE A 120 4.00 2.90 -21.58
N SER A 121 3.45 3.49 -22.64
CA SER A 121 3.77 3.06 -24.01
C SER A 121 5.29 3.02 -24.24
N GLY A 122 5.78 1.89 -24.74
CA GLY A 122 7.19 1.76 -25.05
C GLY A 122 8.10 1.51 -23.86
N LYS A 123 7.49 1.29 -22.70
CA LYS A 123 8.26 1.03 -21.47
C LYS A 123 7.88 -0.29 -20.85
N LYS A 124 8.84 -0.95 -20.21
CA LYS A 124 8.60 -2.24 -19.59
C LYS A 124 8.01 -2.05 -18.20
N ILE A 125 6.76 -1.60 -18.16
CA ILE A 125 6.04 -1.39 -16.91
C ILE A 125 4.66 -2.00 -17.03
N THR A 126 4.35 -2.97 -16.16
CA THR A 126 3.03 -3.58 -16.15
C THR A 126 2.05 -2.67 -15.43
N ALA A 127 0.79 -2.74 -15.83
CA ALA A 127 -0.27 -1.97 -15.18
C ALA A 127 -1.38 -2.93 -14.72
N THR A 128 -1.68 -2.88 -13.43
CA THR A 128 -2.63 -3.81 -12.83
C THR A 128 -3.68 -3.02 -12.08
N MET A 129 -4.95 -3.26 -12.40
CA MET A 129 -6.01 -2.62 -11.65
C MET A 129 -6.25 -3.38 -10.38
N PHE A 130 -6.18 -2.69 -9.26
CA PHE A 130 -6.39 -3.31 -7.96
C PHE A 130 -7.82 -3.04 -7.52
N LYS A 131 -8.56 -4.10 -7.18
CA LYS A 131 -9.89 -3.92 -6.63
C LYS A 131 -9.98 -4.61 -5.28
N GLY A 132 -9.92 -3.80 -4.23
CA GLY A 132 -9.89 -4.28 -2.86
C GLY A 132 -11.10 -5.10 -2.47
N SER A 133 -12.21 -4.92 -3.17
CA SER A 133 -13.46 -5.62 -2.86
C SER A 133 -13.49 -7.04 -3.37
N GLU A 134 -12.55 -7.39 -4.25
CA GLU A 134 -12.50 -8.74 -4.81
C GLU A 134 -12.12 -9.75 -3.75
N SER A 135 -12.54 -11.00 -3.95
CA SER A 135 -12.04 -12.12 -3.15
C SER A 135 -10.52 -12.13 -3.18
N PRO A 136 -9.89 -12.70 -2.15
CA PRO A 136 -8.42 -12.61 -2.05
C PRO A 136 -7.70 -13.26 -3.21
N PHE A 137 -6.51 -12.74 -3.49
CA PHE A 137 -5.60 -13.34 -4.44
C PHE A 137 -5.23 -14.74 -3.97
N ASP A 138 -5.34 -15.72 -4.87
CA ASP A 138 -4.94 -17.10 -4.58
C ASP A 138 -5.75 -17.67 -3.41
N GLU A 139 -7.06 -17.47 -3.44
CA GLU A 139 -7.88 -17.69 -2.25
C GLU A 139 -8.03 -19.15 -1.83
N ASP A 140 -7.68 -20.07 -2.72
CA ASP A 140 -7.81 -21.48 -2.38
C ASP A 140 -6.51 -22.08 -1.83
N ALA A 141 -5.43 -21.31 -1.81
CA ALA A 141 -4.17 -21.79 -1.24
C ALA A 141 -4.26 -21.85 0.29
N PRO A 142 -3.46 -22.73 0.91
CA PRO A 142 -3.42 -22.78 2.37
C PRO A 142 -2.95 -21.46 2.98
N TYR A 143 -3.54 -21.06 4.09
CA TYR A 143 -3.06 -19.89 4.81
C TYR A 143 -1.82 -20.29 5.61
N GLN A 144 -0.80 -19.45 5.60
CA GLN A 144 0.44 -19.77 6.29
C GLN A 144 0.83 -18.70 7.30
N ARG A 159 -7.54 -24.75 6.34
CA ARG A 159 -7.85 -23.33 6.34
C ARG A 159 -7.13 -22.60 5.21
N THR A 160 -7.90 -22.00 4.30
CA THR A 160 -7.32 -21.32 3.14
C THR A 160 -7.26 -19.82 3.31
N ILE A 161 -6.56 -19.17 2.38
CA ILE A 161 -6.47 -17.72 2.34
C ILE A 161 -7.86 -17.10 2.29
N GLY A 162 -8.76 -17.71 1.51
CA GLY A 162 -10.13 -17.24 1.41
C GLY A 162 -10.94 -17.41 2.69
N ASP A 163 -10.58 -18.38 3.53
CA ASP A 163 -11.23 -18.51 4.83
C ASP A 163 -10.80 -17.39 5.78
N VAL A 164 -9.60 -16.89 5.60
CA VAL A 164 -9.01 -15.96 6.56
C VAL A 164 -9.34 -14.51 6.22
N PHE A 165 -9.23 -14.14 4.95
CA PHE A 165 -9.43 -12.75 4.52
C PHE A 165 -10.72 -12.60 3.74
N ARG A 166 -11.50 -11.57 4.02
CA ARG A 166 -12.71 -11.38 3.21
C ARG A 166 -12.35 -11.05 1.77
N ASN A 167 -11.42 -10.13 1.61
CA ASN A 167 -11.15 -9.57 0.29
C ASN A 167 -9.71 -9.09 0.16
N LYS A 168 -9.36 -8.58 -1.01
CA LYS A 168 -8.00 -8.16 -1.26
C LYS A 168 -7.57 -6.99 -0.39
N ARG A 169 -8.52 -6.10 -0.05
CA ARG A 169 -8.17 -4.97 0.82
C ARG A 169 -7.64 -5.51 2.15
N ALA A 170 -8.33 -6.49 2.72
CA ALA A 170 -7.90 -7.09 3.99
C ALA A 170 -6.59 -7.86 3.79
N GLN A 171 -6.54 -8.65 2.72
CA GLN A 171 -5.37 -9.48 2.43
C GLN A 171 -4.10 -8.65 2.36
N PHE A 172 -4.13 -7.56 1.62
CA PHE A 172 -2.87 -6.86 1.43
C PHE A 172 -2.55 -5.87 2.53
N TYR A 173 -3.56 -5.39 3.26
CA TYR A 173 -3.26 -4.61 4.46
C TYR A 173 -2.63 -5.52 5.51
N TYR A 174 -3.07 -6.77 5.58
CA TYR A 174 -2.43 -7.68 6.53
C TYR A 174 -1.06 -8.14 6.03
N ALA A 175 -0.85 -8.19 4.70
CA ALA A 175 0.50 -8.43 4.19
C ALA A 175 1.43 -7.32 4.67
N LEU A 176 0.95 -6.09 4.59
CA LEU A 176 1.67 -4.93 5.08
C LEU A 176 1.91 -5.04 6.60
N ALA A 177 0.84 -5.30 7.35
CA ALA A 177 0.95 -5.41 8.80
C ALA A 177 1.93 -6.52 9.22
N ASP A 178 1.85 -7.67 8.54
CA ASP A 178 2.76 -8.77 8.83
C ASP A 178 4.20 -8.39 8.56
N ARG A 179 4.48 -7.75 7.42
CA ARG A 179 5.85 -7.30 7.17
C ARG A 179 6.34 -6.38 8.26
N LEU A 180 5.50 -5.43 8.65
CA LEU A 180 5.88 -4.44 9.66
C LEU A 180 6.16 -5.08 11.03
N TYR A 181 5.32 -6.02 11.42
CA TYR A 181 5.52 -6.69 12.69
C TYR A 181 6.81 -7.51 12.70
N LEU A 182 7.07 -8.27 11.64
CA LEU A 182 8.31 -9.04 11.59
C LEU A 182 9.52 -8.10 11.68
N THR A 183 9.40 -6.94 11.03
CA THR A 183 10.47 -5.94 11.03
C THR A 183 10.67 -5.39 12.43
N TYR A 184 9.57 -5.08 13.10
CA TYR A 184 9.61 -4.66 14.50
C TYR A 184 10.30 -5.69 15.41
N ARG A 185 9.94 -6.97 15.28
CA ARG A 185 10.55 -8.01 16.08
C ARG A 185 12.05 -8.15 15.77
N ALA A 186 12.44 -7.93 14.51
CA ALA A 186 13.85 -8.01 14.14
C ALA A 186 14.66 -6.83 14.68
N VAL A 187 14.11 -5.63 14.51
CA VAL A 187 14.80 -4.42 14.91
C VAL A 187 14.85 -4.26 16.42
N VAL A 188 13.72 -4.53 17.07
CA VAL A 188 13.58 -4.23 18.51
C VAL A 188 13.85 -5.44 19.41
N HIS A 189 13.50 -6.65 18.94
CA HIS A 189 13.68 -7.85 19.75
C HIS A 189 14.78 -8.79 19.25
N GLY A 190 15.51 -8.37 18.22
CA GLY A 190 16.64 -9.13 17.72
C GLY A 190 16.27 -10.49 17.13
N GLU A 191 15.04 -10.61 16.68
CA GLU A 191 14.56 -11.89 16.13
C GLU A 191 14.73 -11.92 14.62
N TYR A 192 15.54 -12.87 14.15
CA TYR A 192 15.87 -12.91 12.73
C TYR A 192 14.63 -13.03 11.85
N ALA A 193 14.67 -12.31 10.74
CA ALA A 193 13.69 -12.47 9.69
C ALA A 193 14.38 -12.24 8.37
N ASP A 194 13.88 -12.91 7.35
CA ASP A 194 14.31 -12.68 5.98
C ASP A 194 13.89 -11.27 5.55
N PRO A 195 14.85 -10.47 5.08
CA PRO A 195 14.56 -9.13 4.55
C PRO A 195 13.40 -9.13 3.56
N ASP A 196 13.29 -10.18 2.77
CA ASP A 196 12.19 -10.28 1.81
C ASP A 196 10.80 -10.29 2.48
N ASP A 197 10.76 -10.64 3.77
CA ASP A 197 9.51 -10.68 4.51
C ASP A 197 9.29 -9.44 5.39
N MET A 198 10.24 -8.51 5.33
CA MET A 198 10.19 -7.29 6.13
C MET A 198 9.78 -6.10 5.28
N LEU A 199 9.75 -4.91 5.89
CA LEU A 199 9.51 -3.67 5.16
C LEU A 199 10.24 -2.56 5.85
N SER A 200 11.06 -1.82 5.11
CA SER A 200 11.80 -0.70 5.68
C SER A 200 11.34 0.58 5.00
N PHE A 201 11.24 1.67 5.76
CA PHE A 201 11.00 2.98 5.16
C PHE A 201 12.30 3.74 5.02
N ASP A 202 12.69 4.05 3.79
CA ASP A 202 13.90 4.84 3.56
C ASP A 202 13.58 6.30 3.89
N LYS A 203 13.89 6.73 5.11
CA LYS A 203 13.41 8.02 5.57
C LYS A 203 14.02 9.16 4.78
N GLU A 204 15.30 9.05 4.45
CA GLU A 204 15.96 10.09 3.68
C GLU A 204 15.33 10.23 2.29
N ALA A 205 15.02 9.09 1.67
CA ALA A 205 14.41 9.11 0.33
C ALA A 205 12.98 9.64 0.36
N ILE A 206 12.22 9.21 1.36
CA ILE A 206 10.80 9.53 1.43
C ILE A 206 10.57 10.96 1.90
N GLY A 207 11.36 11.39 2.88
CA GLY A 207 11.18 12.68 3.52
C GLY A 207 10.39 12.52 4.80
N GLU A 208 10.84 13.20 5.86
CA GLU A 208 10.20 13.10 7.17
C GLU A 208 8.71 13.48 7.13
N LYS A 209 8.39 14.57 6.47
CA LYS A 209 7.01 15.07 6.48
C LYS A 209 6.04 14.07 5.87
N MET A 210 6.35 13.54 4.70
CA MET A 210 5.44 12.59 4.05
C MET A 210 5.43 11.27 4.83
N LEU A 211 6.57 10.90 5.41
CA LEU A 211 6.61 9.66 6.18
C LEU A 211 5.66 9.77 7.37
N GLU A 212 5.68 10.91 8.04
CA GLU A 212 4.77 11.14 9.16
C GLU A 212 3.32 11.15 8.72
N LYS A 213 3.01 11.76 7.57
CA LYS A 213 1.63 11.72 7.06
C LYS A 213 1.18 10.28 6.83
N LEU A 214 2.06 9.48 6.24
CA LEU A 214 1.77 8.08 6.00
C LEU A 214 1.49 7.35 7.32
N PHE A 215 2.37 7.57 8.31
CA PHE A 215 2.23 6.85 9.58
C PHE A 215 0.92 7.21 10.28
N ALA A 216 0.53 8.48 10.19
CA ALA A 216 -0.69 8.96 10.82
C ALA A 216 -1.93 8.30 10.19
N GLU A 217 -1.86 7.97 8.90
CA GLU A 217 -2.93 7.24 8.25
C GLU A 217 -2.92 5.74 8.58
N LEU A 218 -1.74 5.14 8.60
CA LEU A 218 -1.63 3.69 8.79
C LEU A 218 -2.17 3.25 10.14
N THR A 219 -2.00 4.09 11.16
CA THR A 219 -2.43 3.71 12.51
C THR A 219 -3.94 3.90 12.67
N GLN A 220 -4.60 4.36 11.62
CA GLN A 220 -6.04 4.53 11.66
C GLN A 220 -6.78 3.40 10.93
N ILE A 221 -6.05 2.58 10.18
CA ILE A 221 -6.67 1.45 9.46
C ILE A 221 -7.19 0.43 10.48
N GLN A 222 -8.46 0.07 10.36
CA GLN A 222 -9.15 -0.69 11.40
C GLN A 222 -9.94 -1.88 10.91
N ARG A 223 -9.93 -2.93 11.71
CA ARG A 223 -10.79 -4.08 11.49
C ARG A 223 -12.26 -3.71 11.65
N LYS A 224 -13.15 -4.36 10.90
CA LYS A 224 -14.58 -4.24 11.18
C LYS A 224 -15.16 -5.61 11.45
N PHE A 225 -16.29 -5.65 12.14
CA PHE A 225 -16.95 -6.90 12.46
C PHE A 225 -17.38 -7.62 11.18
N ASN A 226 -17.22 -8.93 11.16
CA ASN A 226 -17.54 -9.74 9.99
C ASN A 226 -18.34 -10.97 10.37
N ASN A 227 -19.49 -11.18 9.74
CA ASN A 227 -20.42 -12.22 10.16
C ASN A 227 -20.06 -13.62 9.66
N ASN A 228 -18.91 -13.75 9.02
CA ASN A 228 -18.41 -15.04 8.58
C ASN A 228 -17.07 -15.37 9.21
N GLY A 229 -16.66 -14.56 10.17
CA GLY A 229 -15.42 -14.81 10.89
C GLY A 229 -14.17 -14.53 10.10
N LYS A 230 -14.30 -13.75 9.03
CA LYS A 230 -13.15 -13.40 8.21
C LYS A 230 -12.58 -12.05 8.62
N LEU A 231 -11.31 -11.84 8.34
CA LEU A 231 -10.71 -10.53 8.55
C LEU A 231 -11.23 -9.55 7.50
N GLU A 232 -11.75 -8.43 7.98
CA GLU A 232 -12.28 -7.39 7.11
C GLU A 232 -11.96 -6.03 7.69
N LEU A 233 -11.61 -5.08 6.84
CA LEU A 233 -11.28 -3.73 7.28
C LEU A 233 -12.35 -2.72 6.90
N MET A 234 -12.42 -1.65 7.69
CA MET A 234 -13.28 -0.53 7.35
C MET A 234 -12.87 0.09 6.02
N THR A 235 -13.84 0.50 5.22
CA THR A 235 -13.55 1.27 4.02
C THR A 235 -13.37 2.74 4.40
N ALA A 236 -12.85 3.53 3.47
CA ALA A 236 -12.69 4.96 3.67
C ALA A 236 -14.02 5.64 3.99
N VAL A 237 -15.08 5.22 3.30
CA VAL A 237 -16.40 5.77 3.54
C VAL A 237 -16.84 5.55 4.98
N GLU A 238 -16.62 4.33 5.47
CA GLU A 238 -17.01 3.99 6.84
C GLU A 238 -16.17 4.77 7.86
N MET A 239 -14.87 4.89 7.60
CA MET A 239 -13.97 5.62 8.49
C MET A 239 -14.40 7.08 8.60
N LYS A 240 -14.81 7.64 7.47
CA LYS A 240 -15.30 9.01 7.43
C LYS A 240 -16.57 9.16 8.26
N GLN A 241 -17.50 8.23 8.11
CA GLN A 241 -18.79 8.32 8.80
C GLN A 241 -18.68 8.09 10.30
N LYS A 242 -18.02 7.01 10.70
CA LYS A 242 -17.94 6.69 12.13
C LYS A 242 -16.95 7.59 12.87
N LEU A 243 -15.81 7.86 12.25
CA LEU A 243 -14.70 8.48 12.97
C LEU A 243 -14.33 9.88 12.46
N GLY A 244 -14.91 10.27 11.34
CA GLY A 244 -14.70 11.60 10.80
C GLY A 244 -13.30 11.85 10.31
N ILE A 245 -12.64 10.81 9.83
CA ILE A 245 -11.27 10.97 9.37
C ILE A 245 -11.19 10.84 7.85
N PRO A 246 -10.33 11.64 7.21
CA PRO A 246 -10.25 11.71 5.75
C PRO A 246 -9.77 10.41 5.13
N SER A 247 -10.02 10.22 3.84
CA SER A 247 -9.59 9.02 3.15
C SER A 247 -8.08 8.82 3.29
N PRO A 248 -7.66 7.66 3.80
CA PRO A 248 -6.24 7.36 3.99
C PRO A 248 -5.58 6.88 2.72
N ASN A 249 -5.35 7.80 1.78
CA ASN A 249 -4.93 7.42 0.45
C ASN A 249 -3.44 7.16 0.32
N LEU A 250 -2.64 7.69 1.25
CA LEU A 250 -1.23 7.28 1.28
C LEU A 250 -1.12 5.83 1.77
N ALA A 251 -1.83 5.52 2.85
CA ALA A 251 -1.87 4.16 3.39
C ALA A 251 -2.36 3.18 2.33
N ASP A 252 -3.45 3.52 1.66
CA ASP A 252 -3.99 2.61 0.64
C ASP A 252 -3.01 2.41 -0.51
N ALA A 253 -2.32 3.47 -0.92
CA ALA A 253 -1.34 3.32 -1.98
C ALA A 253 -0.21 2.36 -1.57
N LEU A 254 0.27 2.47 -0.33
CA LEU A 254 1.30 1.57 0.16
C LEU A 254 0.78 0.13 0.22
N MET A 255 -0.47 -0.01 0.69
CA MET A 255 -1.10 -1.33 0.77
C MET A 255 -1.13 -1.99 -0.61
N MET A 256 -1.48 -1.22 -1.63
CA MET A 256 -1.65 -1.84 -2.94
C MET A 256 -0.32 -2.27 -3.53
N CYS A 257 0.75 -1.58 -3.17
CA CYS A 257 2.03 -2.00 -3.71
C CYS A 257 2.56 -3.26 -2.99
N MET A 258 1.83 -3.76 -1.99
CA MET A 258 2.18 -5.06 -1.39
C MET A 258 1.94 -6.22 -2.34
N HIS A 259 1.12 -5.99 -3.37
CA HIS A 259 0.87 -7.04 -4.34
C HIS A 259 1.79 -6.84 -5.50
N CYS A 260 2.67 -7.81 -5.76
CA CYS A 260 3.53 -7.71 -6.93
C CYS A 260 3.04 -8.67 -8.02
N PRO A 261 2.49 -8.12 -9.11
CA PRO A 261 1.98 -8.92 -10.22
C PRO A 261 3.02 -9.87 -10.81
CA CA B . -8.57 3.22 -1.93
#